data_6ZL3
#
_entry.id   6ZL3
#
_cell.length_a   93.067
_cell.length_b   93.067
_cell.length_c   55.441
_cell.angle_alpha   90
_cell.angle_beta   90
_cell.angle_gamma   120
#
_symmetry.space_group_name_H-M   'P 3 2 1'
#
loop_
_entity.id
_entity.type
_entity.pdbx_description
1 polymer 'GTPase HRas'
2 non-polymer 'SODIUM ION'
3 non-polymer "GUANOSINE-5'-DIPHOSPHATE"
4 non-polymer (3~{S})-3-[2-[(dimethylamino)methyl]-1~{H}-indol-3-yl]-5-oxidanyl-2,3-dihydroisoindol-1-one
5 water water
#
_entity_poly.entity_id   1
_entity_poly.type   'polypeptide(L)'
_entity_poly.pdbx_seq_one_letter_code
;GMTEYKLVVVGAGGVGKSALTIQLIQNHFVDEYDPTIEDSYRKQVVIDGETCLLDILDTAGQEEYSAMRDQYMRTGEGFL
CVFAINNTKSFEDIHQYREQIKRVKDSDDVPMVLVGNKCDLAARTVESRQAQDLARSYGIPYIETSAKTRQGVEDAFYTL
VREIRQH
;
_entity_poly.pdbx_strand_id   A
#
# COMPACT_ATOMS: atom_id res chain seq x y z
N MET A 2 16.08 17.23 -4.32
CA MET A 2 15.93 15.84 -3.91
C MET A 2 14.81 15.12 -4.66
N THR A 3 14.85 13.78 -4.74
CA THR A 3 13.82 13.03 -5.47
C THR A 3 12.51 12.94 -4.68
N GLU A 4 11.43 13.17 -5.39
CA GLU A 4 10.10 13.08 -4.83
C GLU A 4 9.43 11.81 -5.36
N TYR A 5 8.62 11.15 -4.54
CA TYR A 5 7.92 9.90 -4.90
C TYR A 5 6.46 10.04 -4.55
N LYS A 6 5.57 9.72 -5.49
CA LYS A 6 4.14 9.76 -5.28
C LYS A 6 3.66 8.32 -5.01
N LEU A 7 3.38 8.06 -3.75
CA LEU A 7 2.94 6.74 -3.31
C LEU A 7 1.44 6.76 -3.10
N VAL A 8 0.74 5.71 -3.54
CA VAL A 8 -0.69 5.61 -3.33
C VAL A 8 -0.99 4.37 -2.48
N VAL A 9 -1.68 4.53 -1.36
CA VAL A 9 -2.10 3.39 -0.55
C VAL A 9 -3.53 2.98 -0.96
N VAL A 10 -3.73 1.81 -1.60
CA VAL A 10 -5.05 1.34 -2.04
C VAL A 10 -5.47 0.04 -1.32
N GLY A 11 -6.76 -0.29 -1.37
CA GLY A 11 -7.28 -1.50 -0.74
C GLY A 11 -8.67 -1.32 -0.17
N ALA A 12 -9.40 -2.43 0.03
CA ALA A 12 -10.79 -2.43 0.58
C ALA A 12 -10.89 -1.60 1.85
N GLY A 13 -12.09 -1.16 2.21
CA GLY A 13 -12.29 -0.40 3.45
C GLY A 13 -12.01 -1.28 4.65
N GLY A 14 -11.37 -0.74 5.68
CA GLY A 14 -11.08 -1.48 6.90
C GLY A 14 -9.80 -2.31 6.93
N VAL A 15 -8.98 -2.29 5.87
CA VAL A 15 -7.73 -3.06 5.86
C VAL A 15 -6.62 -2.44 6.67
N GLY A 16 -6.71 -1.14 6.97
CA GLY A 16 -5.68 -0.47 7.73
C GLY A 16 -4.83 0.46 6.88
N LYS A 17 -5.38 1.01 5.79
CA LYS A 17 -4.64 1.92 4.92
C LYS A 17 -4.25 3.20 5.73
N SER A 18 -5.23 3.77 6.44
CA SER A 18 -4.99 4.98 7.22
C SER A 18 -4.04 4.69 8.37
N ALA A 19 -4.27 3.58 9.09
CA ALA A 19 -3.43 3.23 10.22
C ALA A 19 -1.99 2.99 9.80
N LEU A 20 -1.76 2.44 8.60
CA LEU A 20 -0.40 2.21 8.08
C LEU A 20 0.27 3.53 7.76
N THR A 21 -0.45 4.44 7.08
CA THR A 21 0.06 5.74 6.67
C THR A 21 0.40 6.59 7.91
N ILE A 22 -0.53 6.70 8.86
CA ILE A 22 -0.31 7.50 10.05
C ILE A 22 0.79 6.93 10.93
N GLN A 23 0.92 5.60 10.96
CA GLN A 23 1.98 4.95 11.72
C GLN A 23 3.33 5.30 11.07
N LEU A 24 3.42 5.36 9.71
CA LEU A 24 4.67 5.75 9.06
C LEU A 24 5.04 7.22 9.29
N ILE A 25 4.05 8.12 9.16
CA ILE A 25 4.19 9.56 9.25
C ILE A 25 4.32 10.10 10.67
N GLN A 26 3.43 9.69 11.57
CA GLN A 26 3.38 10.23 12.92
C GLN A 26 3.84 9.26 14.02
N ASN A 27 4.24 8.04 13.67
CA ASN A 27 4.76 7.09 14.64
C ASN A 27 3.79 6.72 15.76
N HIS A 28 2.52 6.56 15.44
CA HIS A 28 1.53 6.14 16.42
C HIS A 28 0.35 5.40 15.76
N PHE A 29 -0.26 4.48 16.50
CA PHE A 29 -1.38 3.67 16.03
C PHE A 29 -2.71 4.38 16.29
N VAL A 30 -3.41 4.71 15.21
CA VAL A 30 -4.70 5.36 15.31
C VAL A 30 -5.76 4.31 15.01
N ASP A 31 -6.47 3.87 16.05
CA ASP A 31 -7.48 2.84 15.88
C ASP A 31 -8.85 3.37 15.42
N GLU A 32 -9.03 4.69 15.46
CA GLU A 32 -10.28 5.29 15.04
C GLU A 32 -9.98 6.46 14.11
N TYR A 33 -10.02 6.21 12.81
CA TYR A 33 -9.80 7.25 11.84
C TYR A 33 -10.96 7.20 10.86
N ASP A 34 -11.55 8.37 10.57
CA ASP A 34 -12.72 8.53 9.70
C ASP A 34 -12.51 7.80 8.37
N PRO A 35 -13.30 6.75 8.08
CA PRO A 35 -13.07 5.98 6.84
C PRO A 35 -13.47 6.66 5.54
N THR A 36 -14.01 7.87 5.61
CA THR A 36 -14.41 8.61 4.41
C THR A 36 -13.34 9.65 3.98
N ILE A 37 -12.36 9.96 4.84
CA ILE A 37 -11.35 10.96 4.51
C ILE A 37 -10.20 10.33 3.72
N GLU A 38 -9.91 10.97 2.59
CA GLU A 38 -8.83 10.65 1.70
C GLU A 38 -7.88 11.83 1.84
N ASP A 39 -6.69 11.62 2.40
CA ASP A 39 -5.75 12.71 2.60
C ASP A 39 -4.33 12.32 2.22
N SER A 40 -3.50 13.32 1.96
CA SER A 40 -2.10 13.21 1.60
C SER A 40 -1.21 13.57 2.75
N TYR A 41 -0.06 12.92 2.83
CA TYR A 41 0.91 13.23 3.86
C TYR A 41 2.29 13.32 3.22
N ARG A 42 3.11 14.27 3.70
CA ARG A 42 4.47 14.40 3.19
C ARG A 42 5.49 14.00 4.25
N LYS A 43 6.58 13.37 3.81
CA LYS A 43 7.63 12.98 4.73
C LYS A 43 8.98 12.93 4.06
N GLN A 44 9.98 13.58 4.67
CA GLN A 44 11.33 13.55 4.16
C GLN A 44 12.03 12.44 4.90
N VAL A 45 12.64 11.49 4.17
CA VAL A 45 13.30 10.31 4.74
C VAL A 45 14.60 10.00 3.98
N VAL A 46 15.57 9.39 4.67
CA VAL A 46 16.79 8.94 4.01
C VAL A 46 16.61 7.45 3.67
N ILE A 47 16.65 7.10 2.37
CA ILE A 47 16.50 5.73 1.89
C ILE A 47 17.75 5.39 1.09
N ASP A 48 18.56 4.43 1.58
CA ASP A 48 19.82 4.05 0.94
C ASP A 48 20.72 5.24 0.65
N GLY A 49 20.93 6.06 1.68
CA GLY A 49 21.82 7.21 1.61
C GLY A 49 21.35 8.41 0.83
N GLU A 50 20.09 8.41 0.37
CA GLU A 50 19.56 9.55 -0.37
C GLU A 50 18.33 10.09 0.31
N THR A 51 18.25 11.43 0.38
CA THR A 51 17.11 12.14 0.95
C THR A 51 15.99 12.10 -0.07
N CYS A 52 14.85 11.58 0.32
CA CYS A 52 13.67 11.40 -0.51
C CYS A 52 12.55 12.23 0.09
N LEU A 53 11.66 12.71 -0.76
CA LEU A 53 10.45 13.35 -0.30
C LEU A 53 9.29 12.44 -0.69
N LEU A 54 8.54 11.94 0.29
CA LEU A 54 7.42 11.05 0.01
C LEU A 54 6.13 11.85 0.07
N ASP A 55 5.32 11.72 -0.97
CA ASP A 55 4.01 12.31 -1.02
C ASP A 55 3.07 11.09 -1.08
N ILE A 56 2.43 10.77 0.05
CA ILE A 56 1.61 9.58 0.17
C ILE A 56 0.12 9.87 0.20
N LEU A 57 -0.62 9.29 -0.73
CA LEU A 57 -2.05 9.41 -0.72
C LEU A 57 -2.69 8.23 -0.02
N ASP A 58 -3.40 8.52 1.07
CA ASP A 58 -4.18 7.55 1.80
C ASP A 58 -5.60 7.54 1.16
N THR A 59 -5.89 6.58 0.24
CA THR A 59 -7.20 6.54 -0.40
C THR A 59 -8.33 6.05 0.53
N ALA A 60 -9.57 6.52 0.27
CA ALA A 60 -10.70 6.17 1.11
C ALA A 60 -11.85 5.48 0.39
N GLY A 61 -11.84 5.47 -0.94
CA GLY A 61 -12.93 4.86 -1.69
C GLY A 61 -14.25 5.59 -1.54
N GLN A 62 -14.18 6.93 -1.33
CA GLN A 62 -15.31 7.86 -1.14
C GLN A 62 -16.00 7.69 0.22
N SER A 66 -15.90 4.00 -10.07
CA SER A 66 -14.48 3.71 -9.97
C SER A 66 -13.62 4.62 -10.86
N ALA A 67 -14.21 5.27 -11.88
CA ALA A 67 -13.45 6.13 -12.80
C ALA A 67 -12.86 7.38 -12.16
N MET A 68 -13.40 7.81 -11.01
CA MET A 68 -12.85 8.97 -10.32
C MET A 68 -11.47 8.66 -9.71
N ARG A 69 -11.18 7.38 -9.41
CA ARG A 69 -9.88 6.92 -8.89
C ARG A 69 -8.75 7.06 -9.92
N ASP A 70 -9.07 7.18 -11.22
CA ASP A 70 -8.07 7.26 -12.28
C ASP A 70 -7.09 8.42 -12.10
N GLN A 71 -7.54 9.54 -11.51
CA GLN A 71 -6.69 10.71 -11.32
C GLN A 71 -5.48 10.41 -10.42
N TYR A 72 -5.71 9.76 -9.25
CA TYR A 72 -4.58 9.41 -8.39
C TYR A 72 -3.77 8.22 -8.94
N MET A 73 -4.40 7.37 -9.77
CA MET A 73 -3.69 6.29 -10.42
C MET A 73 -2.75 6.88 -11.47
N ARG A 74 -3.14 7.97 -12.17
CA ARG A 74 -2.30 8.67 -13.14
C ARG A 74 -1.17 9.43 -12.46
N THR A 75 -1.44 10.11 -11.34
CA THR A 75 -0.39 10.83 -10.60
C THR A 75 0.59 9.85 -9.90
N GLY A 76 0.06 8.79 -9.32
CA GLY A 76 0.81 7.81 -8.54
C GLY A 76 1.92 7.07 -9.24
N GLU A 77 3.10 7.02 -8.62
CA GLU A 77 4.24 6.31 -9.18
C GLU A 77 4.39 4.87 -8.67
N GLY A 78 3.95 4.64 -7.45
CA GLY A 78 3.99 3.33 -6.83
C GLY A 78 2.74 3.12 -6.00
N PHE A 79 2.28 1.87 -5.92
CA PHE A 79 1.05 1.54 -5.21
C PHE A 79 1.25 0.51 -4.13
N LEU A 80 0.84 0.84 -2.91
CA LEU A 80 0.87 -0.08 -1.80
C LEU A 80 -0.53 -0.73 -1.79
N CYS A 81 -0.63 -1.97 -2.32
CA CYS A 81 -1.89 -2.72 -2.43
C CYS A 81 -2.12 -3.54 -1.17
N VAL A 82 -2.95 -3.00 -0.26
CA VAL A 82 -3.19 -3.53 1.07
C VAL A 82 -4.46 -4.35 1.20
N PHE A 83 -4.34 -5.52 1.83
CA PHE A 83 -5.43 -6.37 2.25
C PHE A 83 -5.14 -6.71 3.74
N ALA A 84 -6.13 -7.17 4.49
CA ALA A 84 -5.93 -7.58 5.88
C ALA A 84 -5.90 -9.13 5.88
N ILE A 85 -5.00 -9.76 6.66
CA ILE A 85 -4.90 -11.22 6.65
C ILE A 85 -6.14 -11.92 7.23
N ASN A 86 -7.09 -11.17 7.81
CA ASN A 86 -8.34 -11.72 8.31
C ASN A 86 -9.54 -11.18 7.51
N ASN A 87 -9.36 -10.90 6.22
CA ASN A 87 -10.42 -10.38 5.37
C ASN A 87 -10.18 -10.96 3.98
N THR A 88 -10.80 -12.13 3.70
CA THR A 88 -10.66 -12.87 2.45
C THR A 88 -11.09 -12.01 1.27
N LYS A 89 -12.21 -11.28 1.42
CA LYS A 89 -12.70 -10.38 0.39
C LYS A 89 -11.64 -9.31 0.04
N SER A 90 -11.05 -8.66 1.04
CA SER A 90 -9.99 -7.67 0.79
C SER A 90 -8.80 -8.27 0.01
N PHE A 91 -8.43 -9.54 0.29
CA PHE A 91 -7.39 -10.22 -0.49
C PHE A 91 -7.90 -10.48 -1.94
N GLU A 92 -9.13 -11.00 -2.11
CA GLU A 92 -9.69 -11.26 -3.44
C GLU A 92 -9.84 -9.95 -4.26
N ASP A 93 -10.11 -8.81 -3.57
CA ASP A 93 -10.27 -7.46 -4.14
C ASP A 93 -9.01 -6.97 -4.84
N ILE A 94 -7.83 -7.44 -4.41
CA ILE A 94 -6.55 -7.01 -4.96
C ILE A 94 -6.51 -7.15 -6.49
N HIS A 95 -7.10 -8.22 -7.05
CA HIS A 95 -7.13 -8.45 -8.49
C HIS A 95 -7.72 -7.25 -9.24
N GLN A 96 -8.80 -6.69 -8.69
CA GLN A 96 -9.47 -5.51 -9.24
C GLN A 96 -8.62 -4.25 -9.17
N TYR A 97 -7.96 -3.98 -8.03
CA TYR A 97 -7.11 -2.79 -7.91
C TYR A 97 -5.97 -2.83 -8.90
N ARG A 98 -5.35 -4.01 -9.03
N ARG A 98 -5.32 -3.99 -9.04
CA ARG A 98 -4.24 -4.31 -9.92
CA ARG A 98 -4.19 -4.16 -9.96
C ARG A 98 -4.62 -4.02 -11.38
C ARG A 98 -4.62 -3.97 -11.42
N GLU A 99 -5.80 -4.51 -11.81
CA GLU A 99 -6.28 -4.33 -13.19
C GLU A 99 -6.53 -2.87 -13.53
N GLN A 100 -7.17 -2.11 -12.60
CA GLN A 100 -7.44 -0.71 -12.86
C GLN A 100 -6.16 0.09 -12.99
N ILE A 101 -5.19 -0.18 -12.11
CA ILE A 101 -3.89 0.47 -12.13
C ILE A 101 -3.18 0.21 -13.47
N LYS A 102 -3.19 -1.04 -13.92
CA LYS A 102 -2.58 -1.43 -15.18
C LYS A 102 -3.20 -0.70 -16.36
N ARG A 103 -4.54 -0.58 -16.36
CA ARG A 103 -5.28 0.07 -17.44
C ARG A 103 -5.02 1.57 -17.48
N VAL A 104 -5.08 2.25 -16.33
CA VAL A 104 -4.83 3.70 -16.25
C VAL A 104 -3.36 4.03 -16.58
N LYS A 105 -2.41 3.22 -16.09
CA LYS A 105 -0.99 3.44 -16.39
C LYS A 105 -0.59 2.97 -17.80
N ASP A 106 -1.39 2.10 -18.40
CA ASP A 106 -1.13 1.50 -19.71
C ASP A 106 0.17 0.72 -19.67
N SER A 107 0.36 -0.06 -18.60
CA SER A 107 1.61 -0.79 -18.42
C SER A 107 1.41 -2.01 -17.54
N ASP A 108 2.15 -3.06 -17.83
CA ASP A 108 2.13 -4.30 -17.07
C ASP A 108 3.20 -4.29 -15.93
N ASP A 109 4.09 -3.29 -15.93
CA ASP A 109 5.20 -3.16 -15.00
C ASP A 109 5.09 -1.84 -14.23
N VAL A 110 4.12 -1.75 -13.33
CA VAL A 110 3.91 -0.58 -12.48
C VAL A 110 4.47 -0.90 -11.10
N PRO A 111 5.33 -0.05 -10.52
CA PRO A 111 5.81 -0.28 -9.15
C PRO A 111 4.64 -0.52 -8.14
N MET A 112 4.64 -1.69 -7.52
CA MET A 112 3.62 -2.12 -6.58
C MET A 112 4.21 -3.02 -5.51
N VAL A 113 3.61 -3.00 -4.32
CA VAL A 113 3.99 -3.90 -3.24
C VAL A 113 2.67 -4.43 -2.67
N LEU A 114 2.53 -5.76 -2.54
CA LEU A 114 1.34 -6.33 -1.93
C LEU A 114 1.60 -6.38 -0.41
N VAL A 115 0.70 -5.81 0.38
CA VAL A 115 0.86 -5.79 1.83
C VAL A 115 -0.27 -6.55 2.53
N GLY A 116 0.09 -7.51 3.38
CA GLY A 116 -0.87 -8.23 4.18
C GLY A 116 -0.82 -7.61 5.57
N ASN A 117 -1.80 -6.76 5.89
CA ASN A 117 -1.80 -6.04 7.15
C ASN A 117 -2.55 -6.78 8.27
N LYS A 118 -2.37 -6.30 9.50
CA LYS A 118 -2.97 -6.83 10.72
C LYS A 118 -2.33 -8.14 11.10
N CYS A 119 -1.01 -8.30 10.82
CA CYS A 119 -0.28 -9.53 11.13
C CYS A 119 -0.13 -9.80 12.64
N ASP A 120 -0.56 -8.86 13.50
CA ASP A 120 -0.61 -9.06 14.96
C ASP A 120 -1.83 -9.95 15.33
N LEU A 121 -2.85 -10.03 14.46
CA LEU A 121 -4.07 -10.80 14.76
C LEU A 121 -3.95 -12.31 14.61
N ALA A 122 -4.67 -13.02 15.46
CA ALA A 122 -4.74 -14.48 15.48
C ALA A 122 -5.79 -14.97 14.45
N ALA A 123 -5.85 -16.28 14.18
CA ALA A 123 -6.82 -16.89 13.27
C ALA A 123 -6.95 -16.19 11.90
N ARG A 124 -5.84 -16.10 11.16
CA ARG A 124 -5.86 -15.47 9.85
C ARG A 124 -6.63 -16.29 8.83
N THR A 125 -7.39 -15.63 7.97
CA THR A 125 -8.15 -16.32 6.93
C THR A 125 -7.42 -16.36 5.58
N VAL A 126 -6.41 -15.50 5.40
CA VAL A 126 -5.60 -15.48 4.18
C VAL A 126 -4.22 -15.95 4.56
N GLU A 127 -3.77 -17.07 3.99
CA GLU A 127 -2.43 -17.59 4.26
C GLU A 127 -1.35 -16.80 3.54
N SER A 128 -0.15 -16.74 4.13
CA SER A 128 1.00 -16.07 3.54
C SER A 128 1.32 -16.64 2.14
N ARG A 129 1.22 -17.98 1.99
CA ARG A 129 1.43 -18.71 0.75
C ARG A 129 0.52 -18.24 -0.39
N GLN A 130 -0.76 -17.99 -0.09
CA GLN A 130 -1.71 -17.49 -1.07
C GLN A 130 -1.28 -16.12 -1.58
N ALA A 131 -0.92 -15.20 -0.66
CA ALA A 131 -0.45 -13.87 -1.04
C ALA A 131 0.91 -13.90 -1.74
N GLN A 132 1.79 -14.81 -1.37
CA GLN A 132 3.07 -14.99 -2.06
C GLN A 132 2.82 -15.44 -3.50
N ASP A 133 1.86 -16.37 -3.71
CA ASP A 133 1.50 -16.84 -5.03
C ASP A 133 0.90 -15.70 -5.85
N LEU A 134 0.05 -14.88 -5.24
CA LEU A 134 -0.53 -13.73 -5.92
C LEU A 134 0.57 -12.74 -6.33
N ALA A 135 1.47 -12.39 -5.39
CA ALA A 135 2.60 -11.47 -5.64
C ALA A 135 3.53 -12.01 -6.76
N ARG A 136 3.78 -13.32 -6.79
CA ARG A 136 4.62 -13.93 -7.82
C ARG A 136 3.98 -13.78 -9.21
N SER A 137 2.66 -13.99 -9.32
CA SER A 137 1.98 -13.82 -10.62
C SER A 137 2.00 -12.36 -11.11
N TYR A 138 2.11 -11.38 -10.20
CA TYR A 138 2.20 -9.97 -10.59
C TYR A 138 3.68 -9.54 -10.80
N GLY A 139 4.64 -10.31 -10.26
CA GLY A 139 6.06 -9.99 -10.31
C GLY A 139 6.42 -8.89 -9.33
N ILE A 140 5.71 -8.83 -8.19
CA ILE A 140 5.92 -7.79 -7.18
C ILE A 140 6.26 -8.37 -5.81
N PRO A 141 6.81 -7.56 -4.88
CA PRO A 141 7.04 -8.09 -3.51
C PRO A 141 5.77 -8.24 -2.65
N TYR A 142 5.80 -9.21 -1.73
CA TYR A 142 4.80 -9.41 -0.71
C TYR A 142 5.50 -9.13 0.63
N ILE A 143 4.88 -8.32 1.49
CA ILE A 143 5.36 -8.01 2.83
C ILE A 143 4.19 -8.02 3.81
N GLU A 144 4.34 -8.66 4.98
CA GLU A 144 3.32 -8.61 6.03
C GLU A 144 3.63 -7.43 6.98
N THR A 145 2.58 -6.75 7.44
CA THR A 145 2.73 -5.61 8.31
C THR A 145 1.71 -5.62 9.46
N SER A 146 1.93 -4.75 10.44
CA SER A 146 1.01 -4.49 11.50
C SER A 146 1.12 -3.00 11.76
N ALA A 147 0.10 -2.24 11.40
CA ALA A 147 0.03 -0.83 11.77
C ALA A 147 -0.05 -0.69 13.31
N LYS A 148 -0.54 -1.71 14.03
CA LYS A 148 -0.63 -1.67 15.48
C LYS A 148 0.74 -1.77 16.14
N THR A 149 1.53 -2.80 15.81
CA THR A 149 2.86 -2.93 16.44
C THR A 149 3.99 -2.23 15.70
N ARG A 150 3.71 -1.70 14.48
CA ARG A 150 4.69 -1.06 13.60
C ARG A 150 5.55 -2.08 12.81
N GLN A 151 5.35 -3.37 12.98
CA GLN A 151 6.11 -4.40 12.27
C GLN A 151 5.92 -4.29 10.77
N GLY A 152 7.05 -4.30 10.05
CA GLY A 152 7.10 -4.28 8.61
C GLY A 152 6.63 -3.00 7.94
N VAL A 153 6.17 -2.00 8.70
CA VAL A 153 5.60 -0.76 8.19
C VAL A 153 6.60 0.05 7.38
N GLU A 154 7.78 0.35 7.95
CA GLU A 154 8.84 1.04 7.21
C GLU A 154 9.29 0.20 6.02
N ASP A 155 9.42 -1.11 6.19
CA ASP A 155 9.80 -2.01 5.13
C ASP A 155 8.87 -1.96 3.94
N ALA A 156 7.54 -2.02 4.15
CA ALA A 156 6.58 -2.04 3.07
C ALA A 156 6.71 -0.76 2.23
N PHE A 157 6.73 0.41 2.89
CA PHE A 157 6.84 1.69 2.22
C PHE A 157 8.16 1.88 1.53
N TYR A 158 9.27 1.58 2.20
CA TYR A 158 10.61 1.78 1.62
C TYR A 158 10.90 0.79 0.50
N THR A 159 10.32 -0.41 0.55
CA THR A 159 10.40 -1.38 -0.53
C THR A 159 9.67 -0.84 -1.75
N LEU A 160 8.52 -0.18 -1.55
CA LEU A 160 7.78 0.43 -2.66
C LEU A 160 8.61 1.58 -3.28
N VAL A 161 9.24 2.42 -2.45
CA VAL A 161 10.11 3.49 -2.95
C VAL A 161 11.23 2.86 -3.83
N ARG A 162 11.85 1.77 -3.34
CA ARG A 162 12.87 1.06 -4.10
C ARG A 162 12.34 0.50 -5.39
N GLU A 163 11.12 -0.04 -5.44
CA GLU A 163 10.49 -0.55 -6.67
C GLU A 163 10.34 0.60 -7.71
N ILE A 164 10.00 1.80 -7.26
CA ILE A 164 9.83 2.94 -8.15
C ILE A 164 11.19 3.37 -8.65
N ARG A 165 12.14 3.56 -7.72
CA ARG A 165 13.51 4.00 -7.96
C ARG A 165 14.22 3.06 -8.92
N GLN A 166 14.00 1.75 -8.79
CA GLN A 166 14.62 0.76 -9.67
C GLN A 166 13.87 0.44 -10.97
N HIS A 167 12.74 1.10 -11.21
CA HIS A 167 11.96 0.85 -12.43
C HIS A 167 12.60 1.47 -13.68
#